data_6SHV
#
_entry.id   6SHV
#
_cell.length_a   58.213
_cell.length_b   58.213
_cell.length_c   398.308
_cell.angle_alpha   90.000
_cell.angle_beta   90.000
_cell.angle_gamma   120.000
#
_symmetry.space_group_name_H-M   'P 61 2 2'
#
loop_
_entity.id
_entity.type
_entity.pdbx_description
1 polymer 'Farnesyl diphosphate synthase'
2 non-polymer 5-(4-fluoranylphenoxy)pyridin-2-amine
3 non-polymer 'ZINC ION'
4 non-polymer 'SULFATE ION'
5 water water
#
_entity_poly.entity_id   1
_entity_poly.type   'polypeptide(L)'
_entity_poly.pdbx_seq_one_letter_code
;GPMASMERFLSVYDEVQAFLLDQLQSKYEIDPNRARYLRIMMDTTCLGGKYFRGMTVVNVAEGFLAVTQHDEATKERILH
DACVGGWMIEFLQAHYLVEDDIMDGSVMRRGKPCWYRFPGVTTQCAINDGIILKSWTQIMAWHYFADRPFLKDLLCLFQK
VDYATAVGQMYDVTSMCDSNKLDPEVAQPMTTDFAEFTPAIYKRIVKYKTTFYTYLLPLVMGLLVSEAAASVEMNLVERV
AHLIGEYFQVQDDVMDCFTPPEQLGKVGTDIEDAKCSWLAVTFLGKANAAQVAEFKANYGEKDPAKVAVVKRLYSKANLQ
ADFAAYEAEVVREVESLIEQLKVKSPTFAESVAVVWEKTHKRKK
;
_entity_poly.pdbx_strand_id   A
#
loop_
_chem_comp.id
_chem_comp.type
_chem_comp.name
_chem_comp.formula
LDW non-polymer 5-(4-fluoranylphenoxy)pyridin-2-amine 'C11 H9 F N2 O'
SO4 non-polymer 'SULFATE ION' 'O4 S -2'
ZN non-polymer 'ZINC ION' 'Zn 2'
#
# COMPACT_ATOMS: atom_id res chain seq x y z
N ALA A 4 9.10 -9.67 22.37
CA ALA A 4 8.81 -9.89 20.95
C ALA A 4 8.33 -8.61 20.29
N SER A 5 8.76 -8.41 19.03
CA SER A 5 8.49 -7.24 18.19
C SER A 5 7.00 -6.96 18.01
N MET A 6 6.21 -8.01 17.70
CA MET A 6 4.77 -7.89 17.51
C MET A 6 4.06 -7.46 18.80
N GLU A 7 4.46 -8.04 19.96
CA GLU A 7 3.89 -7.69 21.29
C GLU A 7 4.16 -6.19 21.56
N ARG A 8 5.40 -5.73 21.29
CA ARG A 8 5.76 -4.32 21.46
C ARG A 8 4.91 -3.46 20.52
N PHE A 9 4.83 -3.84 19.23
CA PHE A 9 4.06 -3.11 18.21
C PHE A 9 2.59 -2.94 18.63
N LEU A 10 1.93 -4.04 19.04
CA LEU A 10 0.53 -3.99 19.48
C LEU A 10 0.34 -3.20 20.78
N SER A 11 1.31 -3.25 21.73
CA SER A 11 1.24 -2.45 22.97
C SER A 11 1.29 -0.95 22.62
N VAL A 12 2.11 -0.57 21.61
CA VAL A 12 2.19 0.84 21.20
C VAL A 12 0.86 1.32 20.60
N TYR A 13 0.11 0.42 19.93
CA TYR A 13 -1.20 0.83 19.40
C TYR A 13 -2.09 1.31 20.56
N ASP A 14 -2.12 0.54 21.66
CA ASP A 14 -2.97 0.88 22.80
C ASP A 14 -2.55 2.24 23.37
N GLU A 15 -1.22 2.50 23.41
CA GLU A 15 -0.70 3.74 23.94
C GLU A 15 -1.07 4.93 23.02
N VAL A 16 -0.89 4.74 21.71
CA VAL A 16 -1.21 5.78 20.73
C VAL A 16 -2.73 6.07 20.76
N GLN A 17 -3.57 5.02 20.75
CA GLN A 17 -5.02 5.21 20.79
C GLN A 17 -5.42 6.04 22.03
N ALA A 18 -4.89 5.68 23.21
CA ALA A 18 -5.20 6.39 24.46
C ALA A 18 -4.77 7.85 24.35
N PHE A 19 -3.56 8.10 23.81
CA PHE A 19 -3.07 9.46 23.62
C PHE A 19 -4.02 10.27 22.74
N LEU A 20 -4.41 9.71 21.58
CA LEU A 20 -5.26 10.43 20.63
C LEU A 20 -6.61 10.76 21.23
N LEU A 21 -7.22 9.78 21.90
CA LEU A 21 -8.55 9.97 22.48
C LEU A 21 -8.49 10.91 23.69
N ASP A 22 -7.44 10.82 24.53
CA ASP A 22 -7.27 11.74 25.67
C ASP A 22 -7.07 13.18 25.19
N GLN A 23 -6.31 13.37 24.07
CA GLN A 23 -6.06 14.70 23.49
C GLN A 23 -7.38 15.28 22.98
N LEU A 24 -8.25 14.43 22.37
CA LEU A 24 -9.56 14.89 21.90
C LEU A 24 -10.40 15.42 23.05
N GLN A 25 -10.31 14.76 24.22
CA GLN A 25 -11.02 15.17 25.43
C GLN A 25 -10.44 16.49 25.99
N SER A 26 -9.12 16.57 26.19
CA SER A 26 -8.52 17.73 26.85
C SER A 26 -8.35 18.97 25.96
N LYS A 27 -8.25 18.80 24.62
CA LYS A 27 -8.00 19.95 23.75
C LYS A 27 -9.07 20.22 22.70
N TYR A 28 -9.90 19.21 22.36
CA TYR A 28 -10.88 19.35 21.27
C TYR A 28 -12.32 19.27 21.75
N GLU A 29 -12.54 19.33 23.08
CA GLU A 29 -13.87 19.37 23.69
C GLU A 29 -14.75 18.15 23.34
N ILE A 30 -14.14 17.00 23.02
CA ILE A 30 -14.92 15.82 22.66
C ILE A 30 -15.69 15.29 23.86
N ASP A 31 -16.85 14.69 23.59
CA ASP A 31 -17.74 14.07 24.54
C ASP A 31 -17.48 12.54 24.50
N PRO A 32 -17.84 11.78 25.57
CA PRO A 32 -17.53 10.34 25.60
C PRO A 32 -18.09 9.49 24.47
N ASN A 33 -19.26 9.83 23.96
CA ASN A 33 -19.90 9.06 22.90
C ASN A 33 -19.22 9.21 21.54
N ARG A 34 -18.75 10.43 21.23
CA ARG A 34 -18.00 10.68 19.99
C ARG A 34 -16.60 10.07 20.10
N ALA A 35 -16.01 10.06 21.32
CA ALA A 35 -14.72 9.42 21.53
C ALA A 35 -14.86 7.90 21.32
N ARG A 36 -15.97 7.29 21.81
CA ARG A 36 -16.24 5.87 21.60
C ARG A 36 -16.41 5.56 20.09
N TYR A 37 -17.17 6.40 19.36
CA TYR A 37 -17.34 6.23 17.92
C TYR A 37 -15.95 6.23 17.25
N LEU A 38 -15.08 7.19 17.60
CA LEU A 38 -13.75 7.27 16.97
C LEU A 38 -12.83 6.12 17.37
N ARG A 39 -12.99 5.60 18.60
CA ARG A 39 -12.21 4.46 19.09
C ARG A 39 -12.57 3.23 18.24
N ILE A 40 -13.88 2.98 18.04
CA ILE A 40 -14.38 1.85 17.23
C ILE A 40 -13.93 2.02 15.78
N MET A 41 -14.02 3.26 15.25
CA MET A 41 -13.59 3.55 13.88
C MET A 41 -12.10 3.18 13.72
N MET A 42 -11.27 3.64 14.67
CA MET A 42 -9.84 3.37 14.65
C MET A 42 -9.57 1.85 14.69
N ASP A 43 -10.20 1.11 15.61
CA ASP A 43 -10.03 -0.34 15.70
C ASP A 43 -10.48 -1.05 14.44
N THR A 44 -11.64 -0.65 13.90
CA THR A 44 -12.22 -1.33 12.75
C THR A 44 -11.41 -1.14 11.47
N THR A 45 -10.80 0.04 11.31
CA THR A 45 -10.08 0.41 10.09
C THR A 45 -8.60 0.13 10.16
N CYS A 46 -8.00 0.17 11.37
CA CYS A 46 -6.55 -0.01 11.54
C CYS A 46 -6.12 -1.42 11.92
N LEU A 47 -6.99 -2.20 12.57
CA LEU A 47 -6.61 -3.52 13.06
C LEU A 47 -7.18 -4.63 12.20
N GLY A 48 -6.61 -5.81 12.33
CA GLY A 48 -7.09 -7.00 11.63
C GLY A 48 -6.18 -7.54 10.55
N GLY A 49 -5.27 -6.70 10.06
CA GLY A 49 -4.32 -7.11 9.04
C GLY A 49 -3.11 -7.83 9.59
N LYS A 50 -2.11 -8.03 8.74
CA LYS A 50 -0.87 -8.72 9.16
C LYS A 50 0.16 -7.71 9.69
N TYR A 51 -0.09 -6.39 9.46
CA TYR A 51 0.81 -5.30 9.90
C TYR A 51 2.16 -5.37 9.20
N PHE A 52 2.18 -5.88 7.96
CA PHE A 52 3.43 -5.99 7.19
C PHE A 52 4.19 -4.66 7.11
N ARG A 53 3.48 -3.56 6.75
CA ARG A 53 4.10 -2.25 6.58
C ARG A 53 4.65 -1.70 7.90
N GLY A 54 3.83 -1.70 8.95
CA GLY A 54 4.25 -1.19 10.26
C GLY A 54 5.39 -2.03 10.83
N MET A 55 5.26 -3.37 10.75
CA MET A 55 6.31 -4.26 11.28
C MET A 55 7.65 -4.15 10.54
N THR A 56 7.62 -3.73 9.25
CA THR A 56 8.86 -3.55 8.49
C THR A 56 9.73 -2.45 9.14
N VAL A 57 9.10 -1.36 9.62
CA VAL A 57 9.82 -0.29 10.30
C VAL A 57 10.54 -0.87 11.53
N VAL A 58 9.81 -1.67 12.32
CA VAL A 58 10.32 -2.29 13.54
C VAL A 58 11.48 -3.25 13.20
N ASN A 59 11.28 -4.13 12.20
CA ASN A 59 12.33 -5.08 11.78
C ASN A 59 13.61 -4.38 11.32
N VAL A 60 13.47 -3.30 10.52
CA VAL A 60 14.66 -2.54 10.06
C VAL A 60 15.42 -1.96 11.26
N ALA A 61 14.68 -1.33 12.19
CA ALA A 61 15.27 -0.71 13.40
C ALA A 61 15.98 -1.78 14.27
N GLU A 62 15.32 -2.95 14.43
CA GLU A 62 15.88 -4.09 15.19
C GLU A 62 17.20 -4.57 14.60
N GLY A 63 17.30 -4.59 13.27
CA GLY A 63 18.51 -4.95 12.56
C GLY A 63 19.69 -4.06 12.96
N PHE A 64 19.49 -2.72 12.90
CA PHE A 64 20.53 -1.75 13.26
C PHE A 64 20.90 -1.80 14.73
N LEU A 65 19.92 -2.08 15.61
CA LEU A 65 20.19 -2.20 17.06
C LEU A 65 21.19 -3.31 17.37
N ALA A 66 21.15 -4.41 16.60
CA ALA A 66 22.06 -5.54 16.79
C ALA A 66 23.53 -5.22 16.46
N VAL A 67 23.79 -4.19 15.64
CA VAL A 67 25.18 -3.87 15.23
C VAL A 67 25.66 -2.47 15.67
N THR A 68 24.86 -1.76 16.48
CA THR A 68 25.18 -0.39 16.93
C THR A 68 25.22 -0.30 18.47
N GLN A 69 26.19 0.44 19.03
CA GLN A 69 26.31 0.62 20.48
C GLN A 69 25.33 1.70 20.97
N HIS A 70 24.51 1.34 22.00
CA HIS A 70 23.52 2.26 22.54
C HIS A 70 23.31 1.90 23.99
N ASP A 71 22.89 2.89 24.82
CA ASP A 71 22.46 2.62 26.19
C ASP A 71 21.12 1.88 26.04
N GLU A 72 20.73 1.10 27.06
CA GLU A 72 19.42 0.41 27.02
C GLU A 72 18.24 1.39 26.80
N ALA A 73 18.24 2.56 27.48
CA ALA A 73 17.17 3.56 27.32
C ALA A 73 17.08 4.06 25.87
N THR A 74 18.23 4.18 25.19
CA THR A 74 18.26 4.55 23.77
C THR A 74 17.66 3.43 22.91
N LYS A 75 18.01 2.15 23.18
CA LYS A 75 17.43 1.02 22.41
C LYS A 75 15.91 1.06 22.51
N GLU A 76 15.40 1.27 23.74
CA GLU A 76 13.95 1.35 24.00
C GLU A 76 13.29 2.51 23.26
N ARG A 77 13.97 3.68 23.25
CA ARG A 77 13.45 4.88 22.56
C ARG A 77 13.37 4.62 21.05
N ILE A 78 14.43 3.99 20.49
CA ILE A 78 14.48 3.69 19.05
C ILE A 78 13.34 2.74 18.69
N LEU A 79 13.18 1.65 19.46
CA LEU A 79 12.10 0.69 19.19
C LEU A 79 10.73 1.31 19.33
N HIS A 80 10.54 2.19 20.33
CA HIS A 80 9.25 2.88 20.51
C HIS A 80 8.98 3.79 19.30
N ASP A 81 10.01 4.52 18.81
CA ASP A 81 9.91 5.39 17.62
C ASP A 81 9.59 4.56 16.38
N ALA A 82 10.23 3.37 16.22
CA ALA A 82 9.95 2.47 15.09
C ALA A 82 8.48 2.00 15.13
N CYS A 83 7.95 1.72 16.34
CA CYS A 83 6.55 1.30 16.50
C CYS A 83 5.60 2.45 16.15
N VAL A 84 5.89 3.66 16.62
CA VAL A 84 5.04 4.83 16.30
C VAL A 84 5.08 5.10 14.79
N GLY A 85 6.27 5.11 14.21
CA GLY A 85 6.43 5.27 12.78
C GLY A 85 5.66 4.21 11.99
N GLY A 86 5.71 2.98 12.47
CA GLY A 86 5.00 1.87 11.83
C GLY A 86 3.50 2.09 11.88
N TRP A 87 2.99 2.61 13.02
CA TRP A 87 1.55 2.92 13.12
C TRP A 87 1.15 4.08 12.24
N MET A 88 2.04 5.06 12.06
CA MET A 88 1.73 6.14 11.11
C MET A 88 1.44 5.51 9.74
N ILE A 89 2.24 4.51 9.32
CA ILE A 89 2.04 3.87 7.99
C ILE A 89 0.73 3.10 7.99
N GLU A 90 0.47 2.36 9.07
CA GLU A 90 -0.77 1.56 9.16
C GLU A 90 -2.04 2.45 9.08
N PHE A 91 -1.99 3.62 9.76
CA PHE A 91 -3.12 4.57 9.74
C PHE A 91 -3.23 5.21 8.37
N LEU A 92 -2.08 5.43 7.68
CA LEU A 92 -2.10 5.97 6.33
C LEU A 92 -2.77 4.95 5.39
N GLN A 93 -2.45 3.67 5.58
CA GLN A 93 -3.09 2.61 4.79
C GLN A 93 -4.60 2.60 5.09
N ALA A 94 -4.98 2.69 6.39
CA ALA A 94 -6.40 2.71 6.81
C ALA A 94 -7.16 3.83 6.07
N HIS A 95 -6.56 5.02 5.99
CA HIS A 95 -7.11 6.18 5.27
C HIS A 95 -7.36 5.79 3.80
N TYR A 96 -6.35 5.21 3.13
N TYR A 96 -6.35 5.26 3.10
CA TYR A 96 -6.47 4.78 1.73
CA TYR A 96 -6.56 4.94 1.69
C TYR A 96 -7.59 3.80 1.53
C TYR A 96 -7.57 3.79 1.49
N LEU A 97 -7.65 2.80 2.41
CA LEU A 97 -8.64 1.72 2.29
C LEU A 97 -10.05 2.23 2.48
N VAL A 98 -10.27 3.07 3.49
CA VAL A 98 -11.63 3.66 3.72
C VAL A 98 -12.07 4.46 2.47
N GLU A 99 -11.21 5.37 1.97
CA GLU A 99 -11.56 6.26 0.85
C GLU A 99 -11.70 5.48 -0.45
N ASP A 100 -10.79 4.54 -0.71
N ASP A 100 -10.78 4.54 -0.72
CA ASP A 100 -10.81 3.71 -1.91
CA ASP A 100 -10.81 3.70 -1.93
C ASP A 100 -12.08 2.87 -1.96
C ASP A 100 -12.06 2.83 -1.97
N ASP A 101 -12.48 2.29 -0.81
CA ASP A 101 -13.70 1.45 -0.74
C ASP A 101 -14.95 2.27 -1.07
N ILE A 102 -14.99 3.53 -0.66
CA ILE A 102 -16.10 4.43 -0.98
C ILE A 102 -16.04 4.80 -2.47
N MET A 103 -14.86 5.20 -2.97
CA MET A 103 -14.71 5.59 -4.37
C MET A 103 -15.10 4.46 -5.33
N ASP A 104 -14.72 3.22 -4.99
CA ASP A 104 -14.98 2.03 -5.84
C ASP A 104 -16.30 1.34 -5.61
N GLY A 105 -17.04 1.77 -4.59
CA GLY A 105 -18.30 1.15 -4.21
C GLY A 105 -18.10 -0.28 -3.76
N SER A 106 -16.96 -0.56 -3.09
CA SER A 106 -16.62 -1.90 -2.61
C SER A 106 -17.60 -2.36 -1.53
N VAL A 107 -17.77 -3.68 -1.40
CA VAL A 107 -18.72 -4.29 -0.47
C VAL A 107 -18.04 -4.82 0.78
N MET A 108 -16.96 -5.61 0.59
CA MET A 108 -16.27 -6.27 1.69
C MET A 108 -14.79 -5.93 1.68
N ARG A 109 -14.19 -5.96 2.86
CA ARG A 109 -12.79 -5.65 3.13
C ARG A 109 -12.40 -6.59 4.29
N ARG A 110 -11.65 -7.67 3.96
CA ARG A 110 -11.17 -8.73 4.88
C ARG A 110 -12.32 -9.57 5.46
N GLY A 111 -13.26 -9.95 4.61
CA GLY A 111 -14.42 -10.75 5.02
C GLY A 111 -15.38 -10.01 5.95
N LYS A 112 -15.23 -8.68 6.05
CA LYS A 112 -16.08 -7.81 6.86
C LYS A 112 -16.60 -6.66 5.96
N PRO A 113 -17.79 -6.05 6.25
CA PRO A 113 -18.27 -4.96 5.39
C PRO A 113 -17.30 -3.78 5.38
N CYS A 114 -17.19 -3.07 4.24
CA CYS A 114 -16.36 -1.86 4.18
C CYS A 114 -16.91 -0.86 5.22
N TRP A 115 -16.03 -0.08 5.82
CA TRP A 115 -16.42 0.86 6.87
C TRP A 115 -17.65 1.70 6.54
N TYR A 116 -17.70 2.27 5.31
CA TYR A 116 -18.83 3.13 4.96
C TYR A 116 -20.17 2.39 4.95
N ARG A 117 -20.12 1.05 4.81
CA ARG A 117 -21.32 0.22 4.78
C ARG A 117 -21.89 -0.10 6.16
N PHE A 118 -21.15 0.20 7.26
CA PHE A 118 -21.68 -0.06 8.60
C PHE A 118 -22.95 0.79 8.79
N PRO A 119 -24.03 0.23 9.40
CA PRO A 119 -25.32 0.96 9.45
C PRO A 119 -25.27 2.37 10.08
N GLY A 120 -24.43 2.56 11.09
CA GLY A 120 -24.31 3.82 11.82
C GLY A 120 -23.17 4.69 11.33
N VAL A 121 -22.58 4.33 10.19
CA VAL A 121 -21.48 5.10 9.60
C VAL A 121 -22.00 5.92 8.43
N THR A 122 -22.21 5.27 7.26
CA THR A 122 -22.70 5.86 5.99
C THR A 122 -21.59 6.67 5.33
N THR A 123 -21.73 6.93 4.02
CA THR A 123 -20.69 7.68 3.28
C THR A 123 -20.45 9.06 3.88
N GLN A 124 -21.51 9.71 4.35
CA GLN A 124 -21.43 11.05 4.93
C GLN A 124 -20.41 11.12 6.05
N CYS A 125 -20.36 10.11 6.93
CA CYS A 125 -19.36 10.10 7.99
C CYS A 125 -18.06 9.45 7.53
N ALA A 126 -18.14 8.38 6.71
CA ALA A 126 -16.95 7.61 6.34
C ALA A 126 -15.87 8.43 5.61
N ILE A 127 -16.26 9.35 4.72
CA ILE A 127 -15.25 10.18 4.03
C ILE A 127 -14.49 11.00 5.08
N ASN A 128 -15.21 11.58 6.04
CA ASN A 128 -14.55 12.37 7.10
C ASN A 128 -13.72 11.46 8.01
N ASP A 129 -14.22 10.23 8.31
CA ASP A 129 -13.44 9.28 9.13
C ASP A 129 -12.09 8.96 8.47
N GLY A 130 -12.09 8.77 7.14
CA GLY A 130 -10.85 8.55 6.40
C GLY A 130 -9.92 9.75 6.48
N ILE A 131 -10.49 10.97 6.44
CA ILE A 131 -9.67 12.21 6.59
C ILE A 131 -9.01 12.26 7.98
N ILE A 132 -9.78 11.89 9.02
CA ILE A 132 -9.27 11.89 10.39
C ILE A 132 -8.15 10.86 10.53
N LEU A 133 -8.29 9.65 9.94
CA LEU A 133 -7.21 8.62 9.97
C LEU A 133 -5.88 9.21 9.50
N LYS A 134 -5.91 9.95 8.39
CA LYS A 134 -4.66 10.57 7.92
C LYS A 134 -4.22 11.71 8.85
N SER A 135 -5.14 12.54 9.36
CA SER A 135 -4.74 13.61 10.29
C SER A 135 -4.05 13.02 11.52
N TRP A 136 -4.52 11.85 11.98
CA TRP A 136 -3.92 11.19 13.16
C TRP A 136 -2.44 10.82 12.92
N THR A 137 -2.05 10.50 11.66
CA THR A 137 -0.63 10.19 11.38
C THR A 137 0.23 11.41 11.74
N GLN A 138 -0.25 12.61 11.42
CA GLN A 138 0.48 13.86 11.68
C GLN A 138 0.46 14.22 13.14
N ILE A 139 -0.68 14.00 13.82
CA ILE A 139 -0.76 14.25 15.27
C ILE A 139 0.27 13.38 15.99
N MET A 140 0.36 12.08 15.62
CA MET A 140 1.33 11.12 16.16
C MET A 140 2.76 11.62 15.99
N ALA A 141 3.10 12.04 14.77
CA ALA A 141 4.46 12.50 14.42
C ALA A 141 4.86 13.70 15.25
N TRP A 142 4.00 14.73 15.26
CA TRP A 142 4.30 15.95 16.01
C TRP A 142 4.41 15.74 17.50
N HIS A 143 3.57 14.87 18.07
CA HIS A 143 3.65 14.59 19.50
C HIS A 143 4.88 13.72 19.87
N TYR A 144 5.01 12.54 19.27
CA TYR A 144 6.09 11.61 19.64
C TYR A 144 7.47 11.99 19.14
N PHE A 145 7.55 12.68 18.01
CA PHE A 145 8.85 13.02 17.42
C PHE A 145 9.24 14.49 17.50
N ALA A 146 8.54 15.28 18.34
CA ALA A 146 8.73 16.73 18.50
C ALA A 146 10.21 17.16 18.59
N ASP A 147 11.00 16.46 19.42
CA ASP A 147 12.41 16.84 19.61
C ASP A 147 13.41 15.95 18.83
N ARG A 148 12.92 15.08 17.93
CA ARG A 148 13.80 14.16 17.21
C ARG A 148 14.53 14.82 16.07
N PRO A 149 15.83 14.49 15.83
CA PRO A 149 16.53 15.13 14.72
C PRO A 149 15.99 14.74 13.34
N PHE A 150 15.29 13.60 13.24
CA PHE A 150 14.75 13.10 11.97
C PHE A 150 13.35 13.60 11.63
N LEU A 151 12.73 14.40 12.55
CA LEU A 151 11.35 14.91 12.36
C LEU A 151 11.12 15.54 11.00
N LYS A 152 11.97 16.52 10.62
CA LYS A 152 11.83 17.19 9.31
C LYS A 152 11.88 16.19 8.12
N ASP A 153 12.90 15.33 8.09
CA ASP A 153 13.05 14.32 7.02
C ASP A 153 11.87 13.36 6.98
N LEU A 154 11.41 12.89 8.16
CA LEU A 154 10.29 11.97 8.23
C LEU A 154 9.01 12.64 7.73
N LEU A 155 8.73 13.90 8.14
CA LEU A 155 7.50 14.57 7.63
C LEU A 155 7.57 14.81 6.14
N CYS A 156 8.73 15.25 5.64
CA CYS A 156 8.88 15.51 4.21
C CYS A 156 8.70 14.23 3.36
N LEU A 157 9.33 13.12 3.78
CA LEU A 157 9.22 11.82 3.12
C LEU A 157 7.76 11.34 3.13
N PHE A 158 7.11 11.43 4.31
CA PHE A 158 5.71 11.00 4.48
C PHE A 158 4.77 11.73 3.52
N GLN A 159 4.87 13.10 3.40
N GLN A 159 4.98 13.05 3.43
CA GLN A 159 3.95 13.77 2.45
CA GLN A 159 4.30 14.04 2.60
C GLN A 159 4.28 13.46 1.00
C GLN A 159 4.36 13.60 1.13
N LYS A 160 5.59 13.34 0.62
CA LYS A 160 5.90 12.94 -0.78
C LYS A 160 5.30 11.57 -1.11
N VAL A 161 5.39 10.60 -0.18
CA VAL A 161 4.81 9.26 -0.35
C VAL A 161 3.29 9.35 -0.48
N ASP A 162 2.67 10.11 0.43
CA ASP A 162 1.20 10.29 0.42
C ASP A 162 0.74 10.89 -0.91
N TYR A 163 1.40 11.95 -1.36
CA TYR A 163 1.05 12.60 -2.62
C TYR A 163 1.24 11.61 -3.82
N ALA A 164 2.36 10.87 -3.84
CA ALA A 164 2.63 9.86 -4.90
C ALA A 164 1.48 8.83 -4.92
N THR A 165 0.99 8.43 -3.73
CA THR A 165 -0.10 7.44 -3.63
C THR A 165 -1.43 8.00 -4.20
N ALA A 166 -1.72 9.28 -3.90
CA ALA A 166 -2.94 9.95 -4.42
C ALA A 166 -2.83 10.04 -5.95
N VAL A 167 -1.65 10.40 -6.46
CA VAL A 167 -1.40 10.43 -7.93
C VAL A 167 -1.63 9.05 -8.53
N GLY A 168 -1.11 8.02 -7.86
CA GLY A 168 -1.29 6.63 -8.28
C GLY A 168 -2.75 6.19 -8.32
N GLN A 169 -3.56 6.64 -7.34
CA GLN A 169 -4.99 6.31 -7.33
C GLN A 169 -5.64 6.92 -8.58
N MET A 170 -5.27 8.15 -8.92
CA MET A 170 -5.77 8.79 -10.16
C MET A 170 -5.36 7.97 -11.39
N TYR A 171 -4.09 7.50 -11.47
CA TYR A 171 -3.63 6.67 -12.61
C TYR A 171 -4.47 5.41 -12.70
N ASP A 172 -4.79 4.79 -11.56
CA ASP A 172 -5.53 3.54 -11.47
C ASP A 172 -6.97 3.69 -11.92
N VAL A 173 -7.70 4.67 -11.37
CA VAL A 173 -9.12 4.87 -11.65
C VAL A 173 -9.37 5.38 -13.05
N THR A 174 -8.36 5.96 -13.71
CA THR A 174 -8.51 6.46 -15.10
C THR A 174 -7.83 5.50 -16.12
N SER A 175 -7.36 4.33 -15.67
CA SER A 175 -6.60 3.40 -16.53
C SER A 175 -7.42 2.77 -17.68
N MET A 176 -8.76 2.80 -17.59
CA MET A 176 -9.65 2.26 -18.64
C MET A 176 -10.23 3.34 -19.58
N CYS A 177 -9.79 4.59 -19.41
CA CYS A 177 -10.16 5.75 -20.23
C CYS A 177 -9.10 5.92 -21.30
N ASP A 178 -9.45 6.56 -22.43
CA ASP A 178 -8.43 6.94 -23.42
C ASP A 178 -7.90 8.29 -22.90
N SER A 179 -6.59 8.42 -22.68
CA SER A 179 -6.03 9.67 -22.10
C SER A 179 -6.47 10.95 -22.82
N ASN A 180 -6.48 10.95 -24.18
CA ASN A 180 -6.86 12.13 -24.96
C ASN A 180 -8.33 12.55 -24.78
N LYS A 181 -9.16 11.67 -24.19
CA LYS A 181 -10.59 11.95 -23.96
C LYS A 181 -10.88 12.45 -22.52
N LEU A 182 -9.88 12.44 -21.63
CA LEU A 182 -10.05 12.92 -20.25
C LEU A 182 -10.51 14.37 -20.30
N ASP A 183 -11.65 14.65 -19.65
CA ASP A 183 -12.27 15.97 -19.69
C ASP A 183 -13.31 16.05 -18.58
N PRO A 184 -13.15 16.95 -17.59
CA PRO A 184 -14.16 17.05 -16.52
C PRO A 184 -15.58 17.34 -17.01
N GLU A 185 -15.71 18.01 -18.16
CA GLU A 185 -17.01 18.40 -18.71
C GLU A 185 -17.76 17.28 -19.41
N VAL A 186 -17.08 16.17 -19.76
CA VAL A 186 -17.69 15.10 -20.58
C VAL A 186 -17.59 13.73 -19.92
N ALA A 187 -18.74 13.02 -19.80
CA ALA A 187 -18.77 11.67 -19.21
C ALA A 187 -17.79 10.76 -19.96
N GLN A 188 -16.99 10.02 -19.20
CA GLN A 188 -15.88 9.23 -19.71
C GLN A 188 -16.26 7.87 -20.27
N PRO A 189 -16.08 7.66 -21.59
CA PRO A 189 -16.36 6.31 -22.14
C PRO A 189 -15.17 5.38 -21.84
N MET A 190 -15.43 4.08 -21.72
CA MET A 190 -14.37 3.11 -21.54
C MET A 190 -13.61 3.00 -22.88
N THR A 191 -12.29 2.71 -22.83
CA THR A 191 -11.47 2.52 -24.03
C THR A 191 -12.03 1.40 -24.90
N THR A 192 -11.91 1.53 -26.24
CA THR A 192 -12.32 0.47 -27.17
C THR A 192 -11.10 -0.21 -27.79
N ASP A 193 -9.97 0.52 -27.97
CA ASP A 193 -8.76 -0.06 -28.57
C ASP A 193 -7.81 -0.70 -27.55
N PHE A 194 -7.90 -0.30 -26.27
CA PHE A 194 -7.03 -0.81 -25.20
C PHE A 194 -5.55 -0.56 -25.50
N ALA A 195 -5.25 0.49 -26.29
CA ALA A 195 -3.87 0.86 -26.67
C ALA A 195 -3.03 1.26 -25.46
N GLU A 196 -3.68 1.73 -24.39
CA GLU A 196 -2.98 2.12 -23.17
C GLU A 196 -2.83 0.95 -22.17
N PHE A 197 -3.14 -0.28 -22.59
CA PHE A 197 -2.94 -1.46 -21.72
C PHE A 197 -1.56 -2.06 -22.05
N THR A 198 -0.49 -1.33 -21.68
CA THR A 198 0.89 -1.72 -21.97
C THR A 198 1.69 -2.00 -20.69
N PRO A 199 2.80 -2.78 -20.76
CA PRO A 199 3.64 -2.96 -19.55
C PRO A 199 4.11 -1.65 -18.91
N ALA A 200 4.56 -0.64 -19.69
CA ALA A 200 5.05 0.63 -19.14
C ALA A 200 3.95 1.43 -18.42
N ILE A 201 2.73 1.44 -18.98
CA ILE A 201 1.61 2.15 -18.37
C ILE A 201 1.16 1.46 -17.08
N TYR A 202 1.10 0.11 -17.11
CA TYR A 202 0.77 -0.71 -15.96
C TYR A 202 1.82 -0.47 -14.86
N LYS A 203 3.12 -0.46 -15.24
CA LYS A 203 4.21 -0.20 -14.29
C LYS A 203 4.07 1.16 -13.60
N ARG A 204 3.64 2.19 -14.34
CA ARG A 204 3.43 3.53 -13.76
C ARG A 204 2.29 3.49 -12.72
N ILE A 205 1.15 2.83 -13.04
CA ILE A 205 0.03 2.71 -12.09
C ILE A 205 0.54 2.11 -10.79
N VAL A 206 1.15 0.91 -10.87
CA VAL A 206 1.62 0.16 -9.72
C VAL A 206 2.67 0.91 -8.90
N LYS A 207 3.64 1.52 -9.59
CA LYS A 207 4.71 2.25 -8.93
C LYS A 207 4.13 3.32 -7.97
N TYR A 208 3.19 4.12 -8.47
CA TYR A 208 2.63 5.22 -7.65
C TYR A 208 1.54 4.79 -6.69
N LYS A 209 0.62 3.91 -7.10
CA LYS A 209 -0.49 3.55 -6.23
C LYS A 209 -0.14 2.65 -5.03
N THR A 210 0.92 1.82 -5.14
CA THR A 210 1.24 0.85 -4.08
C THR A 210 2.67 0.91 -3.54
N THR A 211 3.68 0.95 -4.43
CA THR A 211 5.08 0.72 -4.04
C THR A 211 5.64 1.78 -3.07
N PHE A 212 5.31 3.08 -3.28
CA PHE A 212 5.85 4.11 -2.38
C PHE A 212 5.43 3.91 -0.92
N TYR A 213 4.16 3.62 -0.65
CA TYR A 213 3.75 3.50 0.75
C TYR A 213 3.89 2.09 1.33
N THR A 214 3.90 1.05 0.48
CA THR A 214 3.96 -0.32 0.98
C THR A 214 5.39 -0.78 1.20
N TYR A 215 6.32 -0.30 0.37
CA TYR A 215 7.71 -0.75 0.47
C TYR A 215 8.71 0.34 0.70
N LEU A 216 8.65 1.46 -0.03
CA LEU A 216 9.66 2.49 0.17
C LEU A 216 9.54 3.15 1.56
N LEU A 217 8.34 3.62 1.91
CA LEU A 217 8.09 4.29 3.18
C LEU A 217 8.49 3.43 4.40
N PRO A 218 8.09 2.15 4.56
CA PRO A 218 8.51 1.39 5.75
C PRO A 218 10.02 1.24 5.85
N LEU A 219 10.70 1.00 4.71
CA LEU A 219 12.17 0.82 4.71
C LEU A 219 12.89 2.12 5.10
N VAL A 220 12.51 3.25 4.47
CA VAL A 220 13.14 4.55 4.75
C VAL A 220 12.80 5.02 6.17
N MET A 221 11.55 4.78 6.64
CA MET A 221 11.21 5.15 8.02
C MET A 221 12.08 4.37 9.03
N GLY A 222 12.30 3.08 8.77
CA GLY A 222 13.19 2.28 9.62
C GLY A 222 14.59 2.86 9.68
N LEU A 223 15.09 3.35 8.52
CA LEU A 223 16.43 3.99 8.46
C LEU A 223 16.42 5.32 9.21
N LEU A 224 15.34 6.12 9.05
CA LEU A 224 15.25 7.43 9.72
C LEU A 224 15.24 7.35 11.24
N VAL A 225 14.40 6.46 11.80
CA VAL A 225 14.32 6.32 13.27
C VAL A 225 15.60 5.73 13.85
N SER A 226 16.40 5.02 13.01
CA SER A 226 17.68 4.42 13.40
C SER A 226 18.86 5.37 13.17
N GLU A 227 18.61 6.55 12.54
N GLU A 227 18.62 6.57 12.58
CA GLU A 227 19.62 7.54 12.16
CA GLU A 227 19.68 7.53 12.21
C GLU A 227 20.71 6.84 11.31
C GLU A 227 20.74 6.81 11.33
N ALA A 228 20.25 5.95 10.41
CA ALA A 228 21.08 5.10 9.55
C ALA A 228 21.03 5.37 8.05
N ALA A 229 20.50 6.53 7.63
CA ALA A 229 20.44 6.83 6.19
C ALA A 229 21.80 6.76 5.47
N ALA A 230 22.93 6.91 6.21
CA ALA A 230 24.29 6.81 5.65
C ALA A 230 24.73 5.35 5.35
N SER A 231 24.03 4.35 5.90
CA SER A 231 24.33 2.94 5.67
C SER A 231 23.77 2.46 4.31
N VAL A 232 23.13 3.38 3.56
CA VAL A 232 22.51 3.03 2.29
C VAL A 232 22.72 4.05 1.18
N GLU A 233 22.60 3.56 -0.06
CA GLU A 233 22.57 4.34 -1.30
C GLU A 233 21.07 4.43 -1.58
N MET A 234 20.46 5.63 -1.42
CA MET A 234 19.02 5.80 -1.59
C MET A 234 18.50 5.41 -2.99
N ASN A 235 19.34 5.53 -4.05
CA ASN A 235 18.90 5.11 -5.38
C ASN A 235 18.62 3.59 -5.45
N LEU A 236 19.40 2.79 -4.68
CA LEU A 236 19.23 1.33 -4.62
C LEU A 236 17.98 0.99 -3.82
N VAL A 237 17.75 1.69 -2.68
CA VAL A 237 16.55 1.44 -1.85
C VAL A 237 15.29 1.68 -2.68
N GLU A 238 15.27 2.78 -3.44
CA GLU A 238 14.15 3.12 -4.32
C GLU A 238 13.94 2.04 -5.38
N ARG A 239 15.05 1.61 -6.04
CA ARG A 239 15.01 0.60 -7.09
C ARG A 239 14.47 -0.75 -6.60
N VAL A 240 14.95 -1.23 -5.42
CA VAL A 240 14.49 -2.51 -4.84
C VAL A 240 13.04 -2.40 -4.33
N ALA A 241 12.63 -1.24 -3.77
CA ALA A 241 11.27 -1.04 -3.27
C ALA A 241 10.27 -1.08 -4.44
N HIS A 242 10.58 -0.41 -5.57
CA HIS A 242 9.70 -0.40 -6.74
C HIS A 242 9.61 -1.78 -7.41
N LEU A 243 10.69 -2.54 -7.38
CA LEU A 243 10.74 -3.89 -7.94
C LEU A 243 9.90 -4.87 -7.11
N ILE A 244 10.15 -4.93 -5.78
CA ILE A 244 9.37 -5.79 -4.87
C ILE A 244 7.90 -5.36 -4.88
N GLY A 245 7.65 -4.05 -4.85
CA GLY A 245 6.28 -3.51 -4.87
C GLY A 245 5.50 -3.92 -6.11
N GLU A 246 6.16 -3.85 -7.29
CA GLU A 246 5.52 -4.24 -8.55
C GLU A 246 5.10 -5.72 -8.51
N TYR A 247 6.00 -6.60 -8.03
CA TYR A 247 5.74 -8.03 -7.89
C TYR A 247 4.55 -8.28 -6.95
N PHE A 248 4.50 -7.55 -5.81
CA PHE A 248 3.41 -7.63 -4.84
C PHE A 248 2.06 -7.32 -5.54
N GLN A 249 2.00 -6.24 -6.34
CA GLN A 249 0.77 -5.87 -7.06
C GLN A 249 0.39 -6.89 -8.12
N VAL A 250 1.37 -7.46 -8.81
CA VAL A 250 1.13 -8.49 -9.82
C VAL A 250 0.46 -9.70 -9.15
N GLN A 251 0.95 -10.11 -7.95
CA GLN A 251 0.35 -11.18 -7.13
C GLN A 251 -1.10 -10.80 -6.76
N ASP A 252 -1.35 -9.55 -6.31
CA ASP A 252 -2.70 -9.08 -5.96
C ASP A 252 -3.63 -9.13 -7.18
N ASP A 253 -3.13 -8.74 -8.37
CA ASP A 253 -3.90 -8.76 -9.62
C ASP A 253 -4.31 -10.19 -9.99
N VAL A 254 -3.40 -11.16 -9.80
CA VAL A 254 -3.70 -12.56 -10.13
C VAL A 254 -4.78 -13.10 -9.16
N MET A 255 -4.63 -12.81 -7.85
CA MET A 255 -5.55 -13.22 -6.79
C MET A 255 -6.97 -12.69 -6.94
N ASP A 256 -7.12 -11.43 -7.40
CA ASP A 256 -8.42 -10.78 -7.63
C ASP A 256 -9.29 -11.60 -8.60
N CYS A 257 -8.65 -12.22 -9.59
CA CYS A 257 -9.32 -13.01 -10.60
C CYS A 257 -9.48 -14.48 -10.22
N PHE A 258 -8.41 -15.12 -9.70
CA PHE A 258 -8.43 -16.56 -9.46
C PHE A 258 -8.58 -17.05 -7.99
N THR A 259 -8.34 -16.20 -6.97
CA THR A 259 -8.49 -16.64 -5.58
C THR A 259 -9.97 -16.63 -5.17
N PRO A 260 -10.46 -17.76 -4.60
CA PRO A 260 -11.89 -17.86 -4.23
C PRO A 260 -12.33 -16.77 -3.25
N PRO A 261 -13.57 -16.24 -3.38
CA PRO A 261 -14.00 -15.13 -2.49
C PRO A 261 -13.92 -15.42 -1.00
N GLY A 268 -13.61 -10.37 -6.12
CA GLY A 268 -12.85 -9.55 -7.04
C GLY A 268 -13.69 -9.05 -8.20
N THR A 269 -13.53 -7.76 -8.57
CA THR A 269 -14.28 -7.11 -9.65
C THR A 269 -13.39 -6.38 -10.70
N ASP A 270 -12.06 -6.66 -10.75
CA ASP A 270 -11.15 -6.02 -11.74
C ASP A 270 -11.63 -6.14 -13.21
N ILE A 271 -12.16 -7.31 -13.62
CA ILE A 271 -12.68 -7.52 -14.99
C ILE A 271 -13.89 -6.61 -15.25
N GLU A 272 -14.90 -6.64 -14.36
CA GLU A 272 -16.11 -5.80 -14.46
C GLU A 272 -15.76 -4.31 -14.41
N ASP A 273 -14.74 -3.95 -13.62
CA ASP A 273 -14.28 -2.57 -13.48
C ASP A 273 -13.36 -2.11 -14.60
N ALA A 274 -13.01 -3.04 -15.54
CA ALA A 274 -12.12 -2.82 -16.69
C ALA A 274 -10.73 -2.30 -16.27
N LYS A 275 -10.25 -2.77 -15.11
CA LYS A 275 -8.95 -2.31 -14.60
C LYS A 275 -7.80 -2.74 -15.51
N CYS A 276 -6.75 -1.91 -15.55
CA CYS A 276 -5.56 -2.23 -16.29
C CYS A 276 -4.77 -3.08 -15.32
N SER A 277 -5.06 -4.38 -15.32
CA SER A 277 -4.42 -5.37 -14.45
C SER A 277 -3.29 -6.06 -15.19
N TRP A 278 -2.42 -6.78 -14.45
CA TRP A 278 -1.33 -7.53 -15.06
C TRP A 278 -1.88 -8.57 -16.03
N LEU A 279 -3.02 -9.19 -15.68
CA LEU A 279 -3.64 -10.22 -16.49
C LEU A 279 -4.10 -9.69 -17.83
N ALA A 280 -4.81 -8.54 -17.87
CA ALA A 280 -5.26 -7.95 -19.14
C ALA A 280 -4.07 -7.51 -20.00
N VAL A 281 -3.06 -6.84 -19.39
CA VAL A 281 -1.86 -6.40 -20.14
C VAL A 281 -1.08 -7.60 -20.75
N THR A 282 -0.81 -8.64 -19.92
CA THR A 282 -0.08 -9.85 -20.34
C THR A 282 -0.86 -10.61 -21.41
N PHE A 283 -2.19 -10.73 -21.22
CA PHE A 283 -3.06 -11.38 -22.20
C PHE A 283 -2.95 -10.68 -23.55
N LEU A 284 -3.11 -9.34 -23.56
CA LEU A 284 -3.05 -8.54 -24.79
C LEU A 284 -1.68 -8.58 -25.46
N GLY A 285 -0.62 -8.80 -24.69
CA GLY A 285 0.74 -8.90 -25.22
C GLY A 285 1.06 -10.20 -25.93
N LYS A 286 0.15 -11.19 -25.89
CA LYS A 286 0.40 -12.46 -26.54
C LYS A 286 -0.78 -13.00 -27.35
N ALA A 287 -1.95 -12.36 -27.23
CA ALA A 287 -3.18 -12.76 -27.92
C ALA A 287 -3.08 -12.59 -29.44
N ASN A 288 -3.80 -13.45 -30.19
CA ASN A 288 -3.87 -13.34 -31.65
C ASN A 288 -5.06 -12.39 -31.96
N ALA A 289 -5.32 -12.10 -33.25
CA ALA A 289 -6.40 -11.21 -33.68
C ALA A 289 -7.79 -11.56 -33.12
N ALA A 290 -8.18 -12.86 -33.17
CA ALA A 290 -9.48 -13.37 -32.68
C ALA A 290 -9.65 -13.26 -31.17
N GLN A 291 -8.58 -13.58 -30.41
CA GLN A 291 -8.57 -13.48 -28.94
C GLN A 291 -8.72 -12.00 -28.48
N VAL A 292 -8.05 -11.05 -29.18
CA VAL A 292 -8.13 -9.62 -28.89
C VAL A 292 -9.58 -9.13 -29.08
N ALA A 293 -10.21 -9.56 -30.19
CA ALA A 293 -11.60 -9.22 -30.50
C ALA A 293 -12.58 -9.75 -29.42
N GLU A 294 -12.38 -10.99 -28.96
CA GLU A 294 -13.22 -11.61 -27.92
C GLU A 294 -13.00 -10.92 -26.57
N PHE A 295 -11.76 -10.50 -26.29
CA PHE A 295 -11.46 -9.76 -25.06
C PHE A 295 -12.25 -8.44 -25.06
N LYS A 296 -12.14 -7.66 -26.16
CA LYS A 296 -12.82 -6.36 -26.36
C LYS A 296 -14.34 -6.48 -26.23
N ALA A 297 -14.93 -7.54 -26.80
CA ALA A 297 -16.38 -7.75 -26.74
C ALA A 297 -16.89 -8.11 -25.33
N ASN A 298 -15.99 -8.53 -24.40
CA ASN A 298 -16.44 -8.98 -23.08
C ASN A 298 -15.90 -8.22 -21.86
N TYR A 299 -14.77 -7.51 -21.99
CA TYR A 299 -14.15 -6.83 -20.86
C TYR A 299 -14.90 -5.57 -20.36
N GLY A 300 -14.86 -5.35 -19.05
CA GLY A 300 -15.47 -4.19 -18.41
C GLY A 300 -16.98 -4.23 -18.32
N GLU A 301 -17.55 -5.44 -18.27
CA GLU A 301 -19.00 -5.66 -18.18
C GLU A 301 -19.39 -6.45 -16.94
N LYS A 302 -20.49 -6.04 -16.29
CA LYS A 302 -21.02 -6.65 -15.06
C LYS A 302 -21.61 -8.04 -15.32
N ASP A 303 -22.08 -8.31 -16.56
CA ASP A 303 -22.68 -9.58 -16.95
C ASP A 303 -21.79 -10.79 -16.60
N PRO A 304 -22.22 -11.69 -15.66
CA PRO A 304 -21.38 -12.84 -15.28
C PRO A 304 -20.94 -13.75 -16.42
N ALA A 305 -21.75 -13.82 -17.50
CA ALA A 305 -21.44 -14.61 -18.69
C ALA A 305 -20.21 -14.04 -19.39
N LYS A 306 -20.12 -12.69 -19.47
CA LYS A 306 -18.98 -11.99 -20.09
C LYS A 306 -17.72 -12.08 -19.24
N VAL A 307 -17.86 -12.04 -17.90
CA VAL A 307 -16.73 -12.16 -16.96
C VAL A 307 -16.11 -13.55 -17.13
N ALA A 308 -16.96 -14.60 -17.24
CA ALA A 308 -16.53 -15.98 -17.44
C ALA A 308 -15.75 -16.15 -18.75
N VAL A 309 -16.14 -15.43 -19.83
CA VAL A 309 -15.45 -15.47 -21.14
C VAL A 309 -14.01 -14.95 -20.96
N VAL A 310 -13.85 -13.81 -20.25
CA VAL A 310 -12.55 -13.20 -19.98
C VAL A 310 -11.65 -14.14 -19.16
N LYS A 311 -12.19 -14.76 -18.07
CA LYS A 311 -11.44 -15.69 -17.21
C LYS A 311 -10.98 -16.91 -18.00
N ARG A 312 -11.84 -17.38 -18.91
CA ARG A 312 -11.58 -18.51 -19.80
C ARG A 312 -10.47 -18.15 -20.79
N LEU A 313 -10.48 -16.91 -21.32
CA LEU A 313 -9.45 -16.43 -22.25
C LEU A 313 -8.09 -16.38 -21.55
N TYR A 314 -8.08 -16.00 -20.26
CA TYR A 314 -6.89 -15.93 -19.42
C TYR A 314 -6.35 -17.34 -19.15
N SER A 315 -7.26 -18.30 -18.85
CA SER A 315 -6.95 -19.70 -18.56
C SER A 315 -6.32 -20.40 -19.76
N LYS A 316 -6.90 -20.21 -20.96
CA LYS A 316 -6.40 -20.80 -22.21
C LYS A 316 -5.15 -20.09 -22.74
N ALA A 317 -4.88 -18.84 -22.28
CA ALA A 317 -3.72 -18.04 -22.70
C ALA A 317 -2.42 -18.45 -22.01
N ASN A 318 -2.48 -19.36 -21.02
CA ASN A 318 -1.35 -19.88 -20.24
C ASN A 318 -0.56 -18.74 -19.56
N LEU A 319 -1.30 -17.87 -18.86
CA LEU A 319 -0.73 -16.73 -18.13
C LEU A 319 0.09 -17.17 -16.91
N GLN A 320 -0.09 -18.43 -16.46
CA GLN A 320 0.67 -19.05 -15.38
C GLN A 320 2.15 -19.16 -15.78
N ALA A 321 2.42 -19.42 -17.08
CA ALA A 321 3.79 -19.52 -17.62
C ALA A 321 4.43 -18.12 -17.68
N ASP A 322 3.65 -17.09 -18.10
CA ASP A 322 4.11 -15.70 -18.14
C ASP A 322 4.40 -15.22 -16.74
N PHE A 323 3.55 -15.60 -15.75
CA PHE A 323 3.78 -15.23 -14.35
C PHE A 323 5.07 -15.89 -13.85
N ALA A 324 5.28 -17.18 -14.16
CA ALA A 324 6.49 -17.90 -13.77
C ALA A 324 7.76 -17.25 -14.34
N ALA A 325 7.72 -16.80 -15.62
CA ALA A 325 8.85 -16.12 -16.27
C ALA A 325 9.07 -14.72 -15.65
N TYR A 326 7.96 -14.02 -15.31
CA TYR A 326 8.03 -12.72 -14.64
C TYR A 326 8.70 -12.88 -13.27
N GLU A 327 8.23 -13.88 -12.50
CA GLU A 327 8.72 -14.21 -11.16
C GLU A 327 10.22 -14.51 -11.16
N ALA A 328 10.69 -15.32 -12.14
CA ALA A 328 12.11 -15.67 -12.32
C ALA A 328 12.96 -14.41 -12.54
N GLU A 329 12.48 -13.46 -13.37
CA GLU A 329 13.19 -12.21 -13.63
C GLU A 329 13.26 -11.31 -12.39
N VAL A 330 12.16 -11.20 -11.61
CA VAL A 330 12.12 -10.41 -10.37
C VAL A 330 13.07 -11.03 -9.34
N VAL A 331 13.01 -12.37 -9.11
CA VAL A 331 13.91 -13.07 -8.17
C VAL A 331 15.37 -12.70 -8.55
N ARG A 332 15.70 -12.77 -9.84
CA ARG A 332 17.00 -12.45 -10.41
C ARG A 332 17.45 -11.00 -10.07
N GLU A 333 16.62 -10.02 -10.41
CA GLU A 333 16.90 -8.60 -10.16
C GLU A 333 16.94 -8.22 -8.69
N VAL A 334 16.04 -8.82 -7.85
CA VAL A 334 15.99 -8.54 -6.41
C VAL A 334 17.29 -9.02 -5.76
N GLU A 335 17.70 -10.26 -6.09
CA GLU A 335 18.96 -10.85 -5.60
C GLU A 335 20.14 -9.93 -5.95
N SER A 336 20.16 -9.40 -7.20
CA SER A 336 21.19 -8.46 -7.67
C SER A 336 21.24 -7.17 -6.83
N LEU A 337 20.07 -6.54 -6.62
CA LEU A 337 19.95 -5.32 -5.81
C LEU A 337 20.34 -5.55 -4.35
N ILE A 338 19.97 -6.72 -3.78
CA ILE A 338 20.33 -7.09 -2.40
C ILE A 338 21.86 -7.18 -2.27
N GLU A 339 22.53 -7.73 -3.30
CA GLU A 339 23.99 -7.83 -3.34
C GLU A 339 24.60 -6.44 -3.37
N GLN A 340 24.07 -5.52 -4.20
CA GLN A 340 24.54 -4.13 -4.27
C GLN A 340 24.34 -3.43 -2.90
N LEU A 341 23.24 -3.75 -2.17
CA LEU A 341 22.95 -3.19 -0.83
C LEU A 341 23.96 -3.65 0.22
N LYS A 342 24.51 -4.88 0.07
CA LYS A 342 25.51 -5.48 0.99
C LYS A 342 26.82 -4.68 1.09
N VAL A 343 27.16 -3.89 0.04
CA VAL A 343 28.39 -3.10 -0.01
C VAL A 343 28.44 -2.10 1.15
N LYS A 344 27.34 -1.36 1.37
CA LYS A 344 27.27 -0.37 2.44
C LYS A 344 26.69 -0.92 3.75
N SER A 345 25.71 -1.86 3.68
CA SER A 345 25.12 -2.44 4.91
C SER A 345 24.59 -3.88 4.77
N PRO A 346 25.32 -4.90 5.30
CA PRO A 346 24.77 -6.27 5.28
C PRO A 346 23.53 -6.39 6.16
N THR A 347 23.46 -5.54 7.20
CA THR A 347 22.31 -5.46 8.10
C THR A 347 21.07 -5.00 7.32
N PHE A 348 21.17 -3.88 6.59
CA PHE A 348 20.03 -3.38 5.81
C PHE A 348 19.69 -4.35 4.68
N ALA A 349 20.71 -4.90 3.99
CA ALA A 349 20.46 -5.88 2.92
C ALA A 349 19.67 -7.09 3.46
N GLU A 350 19.97 -7.55 4.71
CA GLU A 350 19.23 -8.66 5.33
C GLU A 350 17.77 -8.31 5.62
N SER A 351 17.49 -7.05 6.05
CA SER A 351 16.10 -6.61 6.27
C SER A 351 15.32 -6.65 4.97
N VAL A 352 15.95 -6.22 3.85
CA VAL A 352 15.35 -6.25 2.50
C VAL A 352 15.11 -7.69 2.06
N ALA A 353 16.09 -8.59 2.36
CA ALA A 353 15.98 -10.02 2.06
C ALA A 353 14.75 -10.60 2.79
N VAL A 354 14.50 -10.19 4.06
CA VAL A 354 13.34 -10.63 4.84
C VAL A 354 12.02 -10.14 4.20
N VAL A 355 11.96 -8.85 3.80
CA VAL A 355 10.80 -8.24 3.14
C VAL A 355 10.49 -9.01 1.85
N TRP A 356 11.53 -9.33 1.06
CA TRP A 356 11.38 -10.11 -0.18
C TRP A 356 10.82 -11.49 0.10
N GLU A 357 11.36 -12.20 1.12
CA GLU A 357 10.90 -13.55 1.52
C GLU A 357 9.42 -13.54 1.90
N LYS A 358 8.98 -12.55 2.71
CA LYS A 358 7.57 -12.37 3.13
C LYS A 358 6.66 -12.07 1.93
N THR A 359 7.20 -11.41 0.90
CA THR A 359 6.44 -11.07 -0.32
C THR A 359 6.35 -12.28 -1.27
N HIS A 360 7.51 -12.89 -1.57
CA HIS A 360 7.67 -14.04 -2.46
C HIS A 360 7.09 -15.31 -1.85
C2 LDW B . -4.93 0.68 -2.39
C3 LDW B . -5.66 1.31 -3.40
C12 LDW B . -5.90 8.03 -2.41
C13 LDW B . -4.99 7.05 -2.79
C14 LDW B . -3.85 2.71 -1.83
N1 LDW B . -5.06 -0.65 -2.13
C4 LDW B . -5.48 2.68 -3.62
C5 LDW B . -4.56 3.39 -2.81
O6 LDW B . -4.35 4.76 -2.97
C7 LDW B . -5.28 5.69 -2.56
C8 LDW B . -6.47 5.34 -1.89
C9 LDW B . -7.38 6.33 -1.49
C10 LDW B . -7.09 7.66 -1.76
F11 LDW B . -7.94 8.60 -1.37
N15 LDW B . -4.06 1.39 -1.64
C2 LDW C . -9.99 7.82 26.20
C3 LDW C . -11.19 7.26 25.71
C12 LDW C . -14.98 13.23 27.35
C13 LDW C . -14.46 12.34 26.39
C14 LDW C . -11.01 9.97 26.39
N1 LDW C . -8.87 7.06 26.33
C4 LDW C . -12.31 8.10 25.57
C5 LDW C . -12.24 9.47 25.93
O6 LDW C . -13.35 10.30 25.79
C7 LDW C . -13.82 11.16 26.80
C8 LDW C . -13.73 10.85 28.16
C9 LDW C . -14.26 11.73 29.12
C10 LDW C . -14.87 12.92 28.71
F11 LDW C . -15.34 13.77 29.63
N15 LDW C . -9.94 9.13 26.53
ZN ZN D . -9.69 1.50 -6.03
S SO4 E . -1.56 -6.19 5.62
O1 SO4 E . -2.38 -7.31 6.06
O2 SO4 E . -2.25 -4.93 5.90
O3 SO4 E . -1.32 -6.27 4.19
O4 SO4 E . -0.30 -6.20 6.38
#